data_6GWF
#
_entry.id   6GWF
#
_cell.length_a   67.389
_cell.length_b   95.789
_cell.length_c   97.453
_cell.angle_alpha   90.00
_cell.angle_beta   90.00
_cell.angle_gamma   90.00
#
_symmetry.space_group_name_H-M   'P 21 21 21'
#
loop_
_entity.id
_entity.type
_entity.pdbx_description
1 polymer Alpha-galactosidase
2 non-polymer 'SULFATE ION'
3 non-polymer (1~{S},2~{S},5~{S},6~{R})-5-(2,4-dinitrophenoxy)-6-fluoranyl-3-(hydroxymethyl)cyclohex-3-ene-1,2-diol
4 non-polymer 'MAGNESIUM ION'
5 water water
#
_entity_poly.entity_id   1
_entity_poly.type   'polypeptide(L)'
_entity_poly.pdbx_seq_one_letter_code
;MGSSHHHHHHSSGLVPRGSHMASMEIFGKTFREGRFVLKEKNFTVEFAVEKIHLGWKISGRVKGSPGRLEVLRTKAPEKV
LVNNWQSWGPCRVVDAFSFKPPEIDPNWRYTASVVPDVLERNLQSDYFVAEEGKVYGFLSSKIAHPFFAVEDGELVAYLE
YFDVEFDDFVPLEPLVVLEDPNTPLLLEKYAELVGMENNARVPKHTPTGWCSWYHYFLDLTWEETLKNLKLAKNFPFEVF
QIDDAYEKDIGDWLVTRGDFPSVEEMAKVIAENGFIPGIWTAPFSVSETSDVFNEHPDWVVKENGEPKMAYRNWNKKIYA
LDLSKDEVLNWLFDLFSSLRKMGYRYFKIDFLFAGAVPGERKKNITPIQAFRKGIETIRKAVGEDSFILGCGSPLLPAVG
CVDGMRIGPATAPFWGEHIEDNGAPAARWALRNAITRYFMHDRFWLNDPDCLILREEKTDLTQKEKELYSYTCGVLDNMI
IESDDLSLVRDHGKKVLKETLELLGGRPRVQNIMSEDLRYEIVSSGTLSGNVKIVVDLNSREYHLEKEGKSSLKKRVVKR
EDGRNFYFYEEGERE
;
_entity_poly.pdbx_strand_id   A
#
loop_
_chem_comp.id
_chem_comp.type
_chem_comp.name
_chem_comp.formula
FEQ non-polymer (1~{S},2~{S},5~{S},6~{R})-5-(2,4-dinitrophenoxy)-6-fluoranyl-3-(hydroxymethyl)cyclohex-3-ene-1,2-diol 'C13 H13 F N2 O8'
MG non-polymer 'MAGNESIUM ION' 'Mg 2'
SO4 non-polymer 'SULFATE ION' 'O4 S -2'
#
# COMPACT_ATOMS: atom_id res chain seq x y z
N LEU A 14 -6.92 7.93 30.17
CA LEU A 14 -5.45 7.77 30.49
C LEU A 14 -4.91 6.54 29.73
N VAL A 15 -4.37 5.54 30.46
CA VAL A 15 -3.53 4.50 29.87
C VAL A 15 -4.02 3.12 30.33
N PRO A 16 -3.79 2.07 29.51
CA PRO A 16 -4.16 0.71 29.89
C PRO A 16 -3.27 0.20 31.03
N ARG A 17 -3.92 -0.32 32.07
CA ARG A 17 -3.27 -0.89 33.22
C ARG A 17 -3.98 -2.20 33.54
N GLY A 18 -3.23 -3.23 33.95
CA GLY A 18 -3.89 -4.47 34.31
C GLY A 18 -2.95 -5.65 34.34
N SER A 19 -3.54 -6.79 34.64
CA SER A 19 -2.90 -8.07 34.72
C SER A 19 -2.25 -8.44 33.36
N HIS A 20 -2.93 -8.05 32.28
CA HIS A 20 -2.44 -8.37 30.91
C HIS A 20 -1.24 -7.48 30.54
N MET A 21 -1.20 -6.25 31.06
CA MET A 21 -0.09 -5.33 30.83
C MET A 21 1.14 -5.78 31.62
N ALA A 22 0.95 -6.30 32.84
CA ALA A 22 2.07 -6.80 33.64
C ALA A 22 2.70 -8.05 32.99
N SER A 23 1.93 -8.76 32.14
CA SER A 23 2.38 -10.02 31.56
C SER A 23 3.25 -9.81 30.31
N MET A 24 3.42 -8.58 29.86
CA MET A 24 4.19 -8.30 28.62
C MET A 24 5.67 -8.13 28.98
N GLU A 25 6.56 -8.33 27.99
CA GLU A 25 7.98 -7.96 28.11
C GLU A 25 8.35 -6.99 26.98
N ILE A 26 9.11 -5.95 27.33
CA ILE A 26 9.61 -4.97 26.37
C ILE A 26 11.14 -5.09 26.36
N PHE A 27 11.71 -5.46 25.20
CA PHE A 27 13.16 -5.78 25.02
C PHE A 27 13.61 -6.76 26.11
N GLY A 28 12.77 -7.78 26.35
CA GLY A 28 13.09 -8.82 27.26
C GLY A 28 12.83 -8.45 28.71
N LYS A 29 12.39 -7.22 29.00
CA LYS A 29 12.16 -6.74 30.39
C LYS A 29 10.67 -6.74 30.72
N THR A 30 10.35 -7.00 31.99
CA THR A 30 8.98 -6.88 32.45
C THR A 30 8.48 -5.47 32.10
N PHE A 31 7.27 -5.40 31.54
CA PHE A 31 6.68 -4.15 31.18
C PHE A 31 6.46 -3.31 32.44
N ARG A 32 6.95 -2.08 32.39
CA ARG A 32 6.51 -0.98 33.25
C ARG A 32 7.02 0.32 32.63
N GLU A 33 6.39 1.44 32.99
CA GLU A 33 6.77 2.75 32.62
C GLU A 33 8.21 3.02 33.08
N GLY A 34 8.95 3.81 32.29
CA GLY A 34 10.30 4.16 32.64
C GLY A 34 11.23 4.38 31.46
N ARG A 35 12.51 4.45 31.80
CA ARG A 35 13.65 4.68 30.88
C ARG A 35 14.68 3.62 31.20
N PHE A 36 15.19 2.96 30.15
CA PHE A 36 15.90 1.71 30.26
C PHE A 36 17.06 1.69 29.26
N VAL A 37 18.05 0.85 29.56
CA VAL A 37 19.17 0.58 28.71
C VAL A 37 19.37 -0.94 28.72
N LEU A 38 19.56 -1.50 27.52
CA LEU A 38 19.87 -2.89 27.34
C LEU A 38 21.18 -2.98 26.55
N LYS A 39 22.24 -3.47 27.23
CA LYS A 39 23.50 -3.77 26.58
C LYS A 39 23.62 -5.29 26.42
N GLU A 40 23.74 -5.71 25.16
CA GLU A 40 23.99 -7.09 24.79
C GLU A 40 25.37 -7.20 24.15
N LYS A 41 25.78 -8.44 23.84
CA LYS A 41 27.06 -8.69 23.17
C LYS A 41 27.18 -7.73 21.98
N ASN A 42 26.14 -7.69 21.13
CA ASN A 42 26.28 -7.23 19.76
C ASN A 42 25.58 -5.88 19.52
N PHE A 43 24.75 -5.43 20.47
CA PHE A 43 24.01 -4.19 20.27
C PHE A 43 23.71 -3.55 21.63
N THR A 44 23.38 -2.24 21.61
CA THR A 44 22.86 -1.49 22.74
C THR A 44 21.55 -0.81 22.31
N VAL A 45 20.51 -0.92 23.15
CA VAL A 45 19.24 -0.21 22.99
C VAL A 45 19.03 0.71 24.20
N GLU A 46 18.66 1.97 23.95
CA GLU A 46 18.18 2.86 24.97
C GLU A 46 16.73 3.17 24.66
N PHE A 47 15.81 2.86 25.59
CA PHE A 47 14.41 3.06 25.29
C PHE A 47 13.64 3.57 26.50
N ALA A 48 12.53 4.25 26.19
CA ALA A 48 11.56 4.80 27.13
C ALA A 48 10.18 4.17 26.85
N VAL A 49 9.45 3.90 27.94
CA VAL A 49 8.08 3.46 27.94
C VAL A 49 7.25 4.56 28.60
N GLU A 50 6.45 5.24 27.79
CA GLU A 50 5.82 6.50 28.15
C GLU A 50 4.33 6.43 27.89
N LYS A 51 3.56 7.14 28.73
CA LYS A 51 2.14 7.24 28.58
C LYS A 51 1.78 8.10 27.36
N ILE A 52 0.77 7.68 26.60
CA ILE A 52 0.08 8.51 25.62
C ILE A 52 -1.42 8.34 25.80
N HIS A 53 -2.20 9.14 25.09
CA HIS A 53 -3.62 9.02 25.16
C HIS A 53 -4.04 7.62 24.70
N LEU A 54 -4.68 6.87 25.61
CA LEU A 54 -5.24 5.51 25.40
C LEU A 54 -4.14 4.45 25.27
N GLY A 55 -2.91 4.75 25.68
CA GLY A 55 -1.88 3.77 25.46
C GLY A 55 -0.53 4.13 25.99
N TRP A 56 0.44 3.34 25.51
CA TRP A 56 1.85 3.43 25.79
C TRP A 56 2.64 3.56 24.48
N LYS A 57 3.72 4.34 24.53
CA LYS A 57 4.64 4.49 23.40
C LYS A 57 6.04 4.05 23.85
N ILE A 58 6.62 3.13 23.08
CA ILE A 58 7.97 2.66 23.29
C ILE A 58 8.83 3.27 22.17
N SER A 59 9.83 4.08 22.56
CA SER A 59 10.69 4.79 21.60
C SER A 59 12.13 4.78 22.11
N GLY A 60 13.08 5.20 21.27
CA GLY A 60 14.46 5.10 21.69
C GLY A 60 15.41 5.06 20.51
N ARG A 61 16.59 4.49 20.77
CA ARG A 61 17.64 4.45 19.79
C ARG A 61 18.49 3.20 20.02
N VAL A 62 19.17 2.75 18.96
CA VAL A 62 19.88 1.50 18.97
C VAL A 62 21.18 1.69 18.17
N LYS A 63 22.23 0.99 18.60
CA LYS A 63 23.47 0.96 17.83
C LYS A 63 24.03 -0.45 17.88
N GLY A 64 25.02 -0.72 17.02
CA GLY A 64 25.61 -2.02 16.96
C GLY A 64 25.01 -2.84 15.86
N SER A 65 24.86 -4.15 16.11
CA SER A 65 24.24 -5.08 15.16
C SER A 65 22.98 -5.68 15.76
N PRO A 66 21.84 -4.94 15.76
CA PRO A 66 20.61 -5.43 16.40
C PRO A 66 19.96 -6.63 15.72
N GLY A 67 20.27 -6.87 14.43
CA GLY A 67 19.71 -7.97 13.69
C GLY A 67 18.19 -7.95 13.68
N ARG A 68 17.58 -9.09 14.00
CA ARG A 68 16.14 -9.19 14.20
C ARG A 68 15.87 -8.94 15.69
N LEU A 69 15.52 -7.70 16.00
CA LEU A 69 15.44 -7.21 17.35
C LEU A 69 14.02 -7.39 17.89
N GLU A 70 13.90 -8.16 18.99
CA GLU A 70 12.63 -8.34 19.70
C GLU A 70 12.35 -7.11 20.55
N VAL A 71 11.19 -6.49 20.31
CA VAL A 71 10.74 -5.27 20.98
C VAL A 71 9.71 -5.63 22.07
N LEU A 72 8.76 -6.50 21.76
CA LEU A 72 7.62 -6.74 22.65
C LEU A 72 7.23 -8.20 22.55
N ARG A 73 6.78 -8.74 23.69
CA ARG A 73 6.30 -10.08 23.74
C ARG A 73 5.10 -10.15 24.68
N THR A 74 4.05 -10.83 24.20
CA THR A 74 2.81 -10.99 24.95
C THR A 74 2.06 -12.22 24.40
N LYS A 75 1.07 -12.69 25.17
CA LYS A 75 0.32 -13.88 24.73
C LYS A 75 -0.54 -13.48 23.52
N ALA A 76 -0.54 -14.35 22.51
CA ALA A 76 -1.28 -14.10 21.28
C ALA A 76 -2.77 -14.12 21.57
N PRO A 77 -3.54 -13.13 21.07
CA PRO A 77 -4.99 -13.25 21.01
C PRO A 77 -5.41 -14.36 20.04
N GLU A 78 -6.66 -14.80 20.13
CA GLU A 78 -7.17 -15.89 19.32
C GLU A 78 -7.51 -15.35 17.93
N LYS A 79 -8.11 -14.17 17.87
CA LYS A 79 -8.54 -13.55 16.61
C LYS A 79 -7.75 -12.25 16.42
N VAL A 80 -6.99 -12.15 15.33
CA VAL A 80 -6.17 -10.95 15.08
C VAL A 80 -6.42 -10.46 13.66
N LEU A 81 -6.49 -9.14 13.51
CA LEU A 81 -6.43 -8.42 12.26
C LEU A 81 -4.97 -8.30 11.89
N VAL A 82 -4.59 -8.97 10.79
CA VAL A 82 -3.21 -8.97 10.34
C VAL A 82 -3.14 -8.17 9.04
N ASN A 83 -1.91 -7.75 8.72
CA ASN A 83 -1.71 -6.83 7.63
C ASN A 83 -0.41 -7.20 6.89
N ASN A 84 -0.55 -7.40 5.58
CA ASN A 84 0.58 -7.59 4.68
C ASN A 84 1.31 -6.25 4.51
N TRP A 85 2.65 -6.28 4.36
CA TRP A 85 3.42 -5.04 4.22
C TRP A 85 3.05 -4.20 2.98
N GLN A 86 2.47 -4.79 1.93
CA GLN A 86 2.32 -4.04 0.68
C GLN A 86 0.85 -3.99 0.18
N SER A 87 0.62 -3.06 -0.77
CA SER A 87 -0.65 -2.77 -1.40
C SER A 87 -1.55 -4.00 -1.54
N TRP A 88 -1.02 -5.04 -2.19
CA TRP A 88 -1.87 -6.11 -2.73
C TRP A 88 -2.20 -7.18 -1.69
N GLY A 89 -1.43 -7.24 -0.60
CA GLY A 89 -1.55 -8.31 0.34
C GLY A 89 -2.72 -8.09 1.29
N PRO A 90 -3.28 -9.16 1.87
CA PRO A 90 -4.49 -9.04 2.66
C PRO A 90 -4.30 -8.27 3.96
N CYS A 91 -5.35 -7.52 4.30
CA CYS A 91 -5.56 -7.06 5.66
C CYS A 91 -6.87 -7.67 6.13
N ARG A 92 -6.76 -8.65 7.04
CA ARG A 92 -7.90 -9.52 7.36
C ARG A 92 -7.77 -10.11 8.76
N VAL A 93 -8.90 -10.59 9.28
CA VAL A 93 -8.94 -11.28 10.57
C VAL A 93 -8.67 -12.75 10.35
N VAL A 94 -7.70 -13.26 11.11
CA VAL A 94 -7.38 -14.66 11.09
CA VAL A 94 -7.20 -14.62 11.11
C VAL A 94 -7.40 -15.23 12.50
N ASP A 95 -7.57 -16.55 12.55
CA ASP A 95 -7.48 -17.36 13.77
C ASP A 95 -6.00 -17.71 14.01
N ALA A 96 -5.40 -17.12 15.05
CA ALA A 96 -3.97 -17.18 15.35
C ALA A 96 -3.52 -18.58 15.79
N PHE A 97 -4.45 -19.48 16.10
CA PHE A 97 -4.07 -20.79 16.68
C PHE A 97 -4.30 -21.91 15.67
N SER A 98 -5.13 -21.67 14.66
CA SER A 98 -5.35 -22.65 13.63
C SER A 98 -4.49 -22.35 12.39
N PHE A 99 -3.54 -21.40 12.51
CA PHE A 99 -2.74 -20.96 11.38
C PHE A 99 -1.88 -22.11 10.86
N LYS A 100 -1.86 -22.28 9.52
CA LYS A 100 -0.92 -23.14 8.84
C LYS A 100 -0.13 -22.30 7.85
N PRO A 101 1.21 -22.41 7.79
CA PRO A 101 2.00 -21.69 6.81
C PRO A 101 1.44 -21.75 5.40
N PRO A 102 1.44 -20.64 4.62
CA PRO A 102 1.04 -20.71 3.22
C PRO A 102 2.16 -21.37 2.41
N GLU A 103 1.79 -21.97 1.28
CA GLU A 103 2.72 -22.31 0.20
C GLU A 103 3.25 -20.97 -0.34
N ILE A 104 4.58 -20.78 -0.40
CA ILE A 104 5.13 -19.51 -0.94
C ILE A 104 5.49 -19.72 -2.41
N ASP A 105 4.80 -18.97 -3.27
CA ASP A 105 5.07 -18.86 -4.69
C ASP A 105 6.47 -18.29 -4.89
N PRO A 106 7.45 -19.07 -5.42
CA PRO A 106 8.80 -18.57 -5.66
C PRO A 106 8.88 -17.41 -6.70
N ASN A 107 7.82 -17.19 -7.47
CA ASN A 107 7.81 -16.09 -8.42
C ASN A 107 7.42 -14.77 -7.74
N TRP A 108 6.87 -14.87 -6.52
CA TRP A 108 6.23 -13.72 -5.83
C TRP A 108 6.48 -13.76 -4.32
N ARG A 109 7.63 -14.30 -3.89
CA ARG A 109 7.97 -14.48 -2.49
C ARG A 109 7.80 -13.17 -1.70
N TYR A 110 8.29 -12.07 -2.29
CA TYR A 110 8.50 -10.86 -1.54
C TYR A 110 7.23 -10.02 -1.49
N THR A 111 6.23 -10.33 -2.30
CA THR A 111 4.89 -9.77 -2.05
C THR A 111 4.28 -10.39 -0.80
N ALA A 112 4.60 -11.67 -0.50
CA ALA A 112 4.04 -12.33 0.62
C ALA A 112 4.73 -11.85 1.89
N SER A 113 6.06 -11.68 1.85
CA SER A 113 6.81 -11.23 3.02
C SER A 113 8.19 -10.72 2.60
N VAL A 114 8.69 -9.70 3.30
CA VAL A 114 10.07 -9.26 3.14
C VAL A 114 11.00 -10.15 3.99
N VAL A 115 10.42 -10.97 4.89
CA VAL A 115 11.14 -11.92 5.76
C VAL A 115 10.45 -13.27 5.61
N PRO A 116 10.53 -13.88 4.40
CA PRO A 116 9.76 -15.08 4.11
C PRO A 116 10.11 -16.26 5.02
N ASP A 117 11.28 -16.23 5.70
CA ASP A 117 11.66 -17.27 6.65
C ASP A 117 10.63 -17.33 7.78
N VAL A 118 10.03 -16.19 8.09
CA VAL A 118 9.01 -16.10 9.14
C VAL A 118 7.74 -16.79 8.62
N LEU A 119 7.25 -16.31 7.47
CA LEU A 119 5.93 -16.70 6.94
C LEU A 119 5.87 -18.19 6.62
N GLU A 120 7.03 -18.83 6.42
CA GLU A 120 7.03 -20.26 6.11
C GLU A 120 6.75 -21.07 7.40
N ARG A 121 6.97 -20.46 8.57
CA ARG A 121 6.87 -21.12 9.90
C ARG A 121 5.69 -20.59 10.73
N ASN A 122 5.43 -19.27 10.68
CA ASN A 122 4.67 -18.59 11.69
C ASN A 122 3.74 -17.57 11.03
N LEU A 123 2.59 -17.31 11.67
CA LEU A 123 1.71 -16.21 11.28
C LEU A 123 2.49 -14.91 11.39
N GLN A 124 2.40 -14.07 10.34
CA GLN A 124 3.16 -12.79 10.28
C GLN A 124 2.16 -11.63 10.09
N SER A 125 2.42 -10.51 10.75
CA SER A 125 1.68 -9.29 10.45
C SER A 125 2.70 -8.14 10.33
N ASP A 126 2.53 -7.26 9.35
CA ASP A 126 3.49 -6.17 9.10
C ASP A 126 2.90 -4.84 9.61
N TYR A 127 3.75 -4.11 10.32
CA TYR A 127 3.55 -2.75 10.79
C TYR A 127 2.61 -2.73 12.01
N PHE A 128 1.47 -3.41 11.95
CA PHE A 128 0.49 -3.35 13.05
C PHE A 128 -0.25 -4.69 13.10
N VAL A 129 -0.86 -4.94 14.26
CA VAL A 129 -1.78 -6.03 14.45
C VAL A 129 -2.84 -5.55 15.44
N ALA A 130 -4.09 -6.01 15.26
CA ALA A 130 -5.17 -5.58 16.15
C ALA A 130 -5.95 -6.80 16.63
N GLU A 131 -6.60 -6.60 17.80
CA GLU A 131 -7.62 -7.51 18.34
C GLU A 131 -8.76 -6.63 18.84
N GLU A 132 -9.90 -7.24 19.16
CA GLU A 132 -10.97 -6.52 19.76
C GLU A 132 -10.41 -5.75 20.97
N GLY A 133 -10.47 -4.41 20.91
CA GLY A 133 -10.13 -3.52 21.99
C GLY A 133 -8.65 -3.15 22.09
N LYS A 134 -7.79 -3.56 21.14
CA LYS A 134 -6.34 -3.45 21.31
CA LYS A 134 -6.33 -3.40 21.31
C LYS A 134 -5.64 -3.35 19.94
N VAL A 135 -4.72 -2.40 19.83
CA VAL A 135 -3.89 -2.23 18.66
C VAL A 135 -2.42 -2.15 19.09
N TYR A 136 -1.60 -2.95 18.40
CA TYR A 136 -0.17 -2.82 18.49
C TYR A 136 0.30 -2.31 17.14
N GLY A 137 1.08 -1.22 17.12
CA GLY A 137 1.42 -0.59 15.86
C GLY A 137 2.69 0.23 15.92
N PHE A 138 3.54 0.01 14.92
CA PHE A 138 4.77 0.76 14.78
C PHE A 138 4.44 2.03 13.99
N LEU A 139 5.05 3.15 14.37
CA LEU A 139 4.67 4.44 13.78
C LEU A 139 5.47 4.74 12.49
N SER A 140 6.52 3.99 12.22
CA SER A 140 7.36 4.30 11.08
C SER A 140 8.10 3.04 10.64
N SER A 141 8.57 3.05 9.39
CA SER A 141 9.52 2.09 8.89
C SER A 141 10.53 2.85 8.04
N LYS A 142 11.51 3.45 8.73
CA LYS A 142 12.47 4.30 8.08
C LYS A 142 13.78 3.55 7.86
N ILE A 143 14.14 2.69 8.82
CA ILE A 143 15.36 1.93 8.76
C ILE A 143 15.07 0.43 8.86
N ALA A 144 14.36 0.04 9.92
CA ALA A 144 14.00 -1.32 10.13
C ALA A 144 12.62 -1.64 9.53
N HIS A 145 12.41 -2.92 9.24
CA HIS A 145 11.12 -3.46 8.90
C HIS A 145 10.44 -3.95 10.16
N PRO A 146 9.31 -3.33 10.57
CA PRO A 146 8.64 -3.72 11.81
C PRO A 146 7.56 -4.77 11.52
N PHE A 147 7.58 -5.87 12.25
CA PHE A 147 6.57 -6.86 12.04
C PHE A 147 6.28 -7.64 13.31
N PHE A 148 5.21 -8.44 13.25
CA PHE A 148 4.78 -9.29 14.38
C PHE A 148 4.74 -10.73 13.90
N ALA A 149 5.07 -11.66 14.79
CA ALA A 149 4.93 -13.06 14.51
C ALA A 149 4.24 -13.72 15.70
N VAL A 150 3.40 -14.72 15.42
CA VAL A 150 2.85 -15.57 16.48
C VAL A 150 3.71 -16.82 16.58
N GLU A 151 4.50 -16.89 17.66
CA GLU A 151 5.51 -17.92 17.88
C GLU A 151 5.05 -18.77 19.09
N ASP A 152 4.65 -20.02 18.81
CA ASP A 152 4.20 -20.97 19.85
CA ASP A 152 4.18 -20.96 19.84
C ASP A 152 3.27 -20.25 20.85
N GLY A 153 2.23 -19.56 20.33
CA GLY A 153 1.16 -18.97 21.14
C GLY A 153 1.49 -17.60 21.74
N GLU A 154 2.67 -17.04 21.45
CA GLU A 154 3.05 -15.69 21.88
C GLU A 154 3.11 -14.74 20.67
N LEU A 155 2.58 -13.53 20.83
CA LEU A 155 2.74 -12.44 19.86
C LEU A 155 4.06 -11.74 20.15
N VAL A 156 4.93 -11.69 19.15
CA VAL A 156 6.25 -11.07 19.27
C VAL A 156 6.39 -9.97 18.22
N ALA A 157 6.72 -8.77 18.68
CA ALA A 157 7.01 -7.65 17.80
C ALA A 157 8.54 -7.56 17.59
N TYR A 158 8.93 -7.42 16.33
CA TYR A 158 10.32 -7.38 15.94
C TYR A 158 10.60 -6.16 15.08
N LEU A 159 11.84 -5.66 15.18
CA LEU A 159 12.41 -4.73 14.19
C LEU A 159 13.56 -5.46 13.47
N GLU A 160 13.37 -5.63 12.15
CA GLU A 160 14.35 -6.34 11.32
C GLU A 160 15.28 -5.30 10.69
N TYR A 161 16.57 -5.41 11.02
CA TYR A 161 17.65 -4.55 10.51
C TYR A 161 18.47 -5.28 9.41
N PHE A 162 18.09 -6.50 9.03
CA PHE A 162 18.72 -7.21 7.88
C PHE A 162 20.25 -7.19 7.96
N ASP A 163 20.80 -7.47 9.15
CA ASP A 163 22.25 -7.63 9.35
C ASP A 163 23.06 -6.35 9.17
N VAL A 164 22.43 -5.19 9.12
CA VAL A 164 23.16 -3.96 9.01
C VAL A 164 23.68 -3.55 10.40
N GLU A 165 24.89 -2.99 10.41
CA GLU A 165 25.54 -2.50 11.62
C GLU A 165 25.51 -0.99 11.64
N PHE A 166 25.34 -0.42 12.83
CA PHE A 166 25.27 1.02 13.00
C PHE A 166 26.35 1.45 14.02
N ASP A 167 27.34 2.22 13.57
CA ASP A 167 28.44 2.65 14.45
C ASP A 167 27.93 3.61 15.53
N ASP A 168 26.96 4.44 15.13
CA ASP A 168 26.36 5.38 16.08
CA ASP A 168 26.32 5.49 15.94
C ASP A 168 24.86 5.10 16.22
N PHE A 169 24.26 5.66 17.27
CA PHE A 169 22.82 5.44 17.53
C PHE A 169 21.98 5.89 16.34
N VAL A 170 20.97 5.08 15.99
CA VAL A 170 19.90 5.51 15.11
C VAL A 170 18.58 5.34 15.85
N PRO A 171 17.53 6.09 15.48
CA PRO A 171 16.24 5.99 16.16
C PRO A 171 15.52 4.67 15.88
N LEU A 172 15.01 4.07 16.95
CA LEU A 172 14.06 2.94 16.84
C LEU A 172 12.83 3.43 16.08
N GLU A 173 12.13 2.53 15.40
CA GLU A 173 10.79 2.80 14.96
C GLU A 173 9.91 2.71 16.21
N PRO A 174 9.18 3.77 16.58
CA PRO A 174 8.35 3.75 17.79
C PRO A 174 7.18 2.77 17.66
N LEU A 175 6.86 2.10 18.77
CA LEU A 175 5.76 1.14 18.88
C LEU A 175 4.73 1.70 19.85
N VAL A 176 3.45 1.69 19.48
CA VAL A 176 2.40 2.06 20.40
C VAL A 176 1.55 0.83 20.71
N VAL A 177 1.04 0.82 21.95
CA VAL A 177 0.08 -0.20 22.47
C VAL A 177 -1.14 0.56 22.95
N LEU A 178 -2.26 0.44 22.22
CA LEU A 178 -3.42 1.25 22.45
C LEU A 178 -4.57 0.33 22.91
N GLU A 179 -5.36 0.81 23.87
CA GLU A 179 -6.46 0.00 24.42
C GLU A 179 -7.70 0.88 24.63
N ASP A 180 -8.83 0.38 24.12
CA ASP A 180 -10.14 1.00 24.22
C ASP A 180 -11.15 0.05 23.58
N PRO A 181 -12.42 -0.01 24.02
CA PRO A 181 -13.36 -0.93 23.39
C PRO A 181 -13.68 -0.57 21.92
N ASN A 182 -13.50 0.71 21.55
CA ASN A 182 -13.78 1.15 20.18
C ASN A 182 -12.54 0.85 19.29
N THR A 183 -12.46 -0.36 18.71
CA THR A 183 -11.30 -0.78 17.94
C THR A 183 -11.11 0.10 16.70
N PRO A 184 -12.17 0.47 15.95
CA PRO A 184 -12.03 1.41 14.82
C PRO A 184 -11.36 2.73 15.26
N LEU A 185 -11.81 3.27 16.40
CA LEU A 185 -11.22 4.49 16.94
CA LEU A 185 -11.22 4.49 16.95
C LEU A 185 -9.72 4.30 17.16
N LEU A 186 -9.31 3.16 17.71
CA LEU A 186 -7.86 2.90 17.97
C LEU A 186 -7.05 2.88 16.67
N LEU A 187 -7.59 2.24 15.63
CA LEU A 187 -6.89 2.16 14.33
C LEU A 187 -6.77 3.56 13.72
N GLU A 188 -7.81 4.37 13.89
CA GLU A 188 -7.79 5.75 13.41
C GLU A 188 -6.75 6.57 14.18
N LYS A 189 -6.65 6.35 15.49
CA LYS A 189 -5.68 7.04 16.35
CA LYS A 189 -5.68 7.07 16.30
CA LYS A 189 -5.68 7.07 16.30
CA LYS A 189 -5.68 7.06 16.32
C LYS A 189 -4.27 6.60 15.95
N TYR A 190 -4.11 5.29 15.81
CA TYR A 190 -2.82 4.75 15.37
C TYR A 190 -2.39 5.44 14.06
N ALA A 191 -3.33 5.58 13.11
CA ALA A 191 -3.03 6.14 11.78
C ALA A 191 -2.73 7.64 11.87
N GLU A 192 -3.40 8.37 12.77
CA GLU A 192 -3.09 9.77 13.00
C GLU A 192 -1.65 9.91 13.52
N LEU A 193 -1.25 9.06 14.47
CA LEU A 193 0.13 9.08 14.99
C LEU A 193 1.15 8.79 13.86
N VAL A 194 0.87 7.78 13.04
CA VAL A 194 1.72 7.45 11.87
C VAL A 194 1.86 8.70 11.00
N GLY A 195 0.74 9.35 10.70
CA GLY A 195 0.74 10.51 9.87
C GLY A 195 1.66 11.59 10.42
N MET A 196 1.56 11.84 11.74
CA MET A 196 2.37 12.90 12.38
CA MET A 196 2.36 12.88 12.42
C MET A 196 3.85 12.51 12.36
N GLU A 197 4.17 11.25 12.66
CA GLU A 197 5.53 10.71 12.71
C GLU A 197 6.24 10.85 11.36
N ASN A 198 5.48 10.83 10.26
CA ASN A 198 6.04 10.72 8.90
C ASN A 198 5.72 11.93 8.01
N ASN A 199 5.11 12.98 8.56
CA ASN A 199 4.70 14.15 7.78
CA ASN A 199 4.65 14.17 7.80
C ASN A 199 3.92 13.71 6.54
N ALA A 200 2.84 12.96 6.75
CA ALA A 200 2.01 12.43 5.68
C ALA A 200 1.51 13.55 4.76
N ARG A 201 1.48 13.27 3.46
CA ARG A 201 0.83 14.11 2.46
C ARG A 201 -0.64 13.70 2.35
N VAL A 202 -1.57 14.60 2.71
CA VAL A 202 -2.96 14.37 2.51
C VAL A 202 -3.49 15.51 1.65
N PRO A 203 -3.52 15.33 0.32
CA PRO A 203 -3.98 16.38 -0.57
C PRO A 203 -5.38 16.90 -0.20
N LYS A 204 -5.58 18.21 -0.39
CA LYS A 204 -6.86 18.86 -0.15
C LYS A 204 -7.87 18.45 -1.24
N HIS A 205 -7.39 18.14 -2.44
CA HIS A 205 -8.25 17.81 -3.57
C HIS A 205 -7.92 16.37 -4.02
N THR A 206 -8.97 15.59 -4.28
CA THR A 206 -8.80 14.26 -4.79
C THR A 206 -9.09 14.21 -6.28
N PRO A 207 -8.12 13.76 -7.09
CA PRO A 207 -8.33 13.71 -8.54
C PRO A 207 -9.38 12.66 -8.89
N THR A 208 -10.16 12.93 -9.93
CA THR A 208 -10.91 11.93 -10.66
C THR A 208 -10.18 11.67 -11.98
N GLY A 209 -10.52 10.57 -12.63
CA GLY A 209 -9.88 10.25 -13.86
C GLY A 209 -10.19 8.89 -14.42
N TRP A 210 -9.47 8.61 -15.51
CA TRP A 210 -9.55 7.41 -16.30
C TRP A 210 -8.21 6.68 -16.27
N CYS A 211 -8.29 5.35 -16.27
CA CYS A 211 -7.14 4.48 -16.31
C CYS A 211 -7.39 3.37 -17.33
N SER A 212 -6.38 3.06 -18.15
CA SER A 212 -6.55 2.11 -19.27
C SER A 212 -6.70 0.64 -18.82
N TRP A 213 -6.17 0.29 -17.63
CA TRP A 213 -5.71 -1.11 -17.39
C TRP A 213 -6.87 -2.13 -17.43
N TYR A 214 -7.96 -1.86 -16.70
CA TYR A 214 -8.95 -2.88 -16.38
C TYR A 214 -9.98 -3.08 -17.50
N HIS A 215 -9.70 -2.50 -18.68
CA HIS A 215 -10.41 -2.86 -19.90
C HIS A 215 -9.44 -3.44 -20.93
N TYR A 216 -8.30 -2.76 -21.15
CA TYR A 216 -7.43 -3.06 -22.26
C TYR A 216 -6.24 -3.94 -21.84
N PHE A 217 -5.87 -3.88 -20.55
CA PHE A 217 -4.70 -4.63 -20.07
C PHE A 217 -3.51 -4.32 -21.01
N LEU A 218 -2.68 -5.32 -21.30
CA LEU A 218 -1.46 -5.14 -22.10
C LEU A 218 -1.81 -4.90 -23.58
N ASP A 219 -3.09 -4.98 -23.92
CA ASP A 219 -3.49 -4.96 -25.29
C ASP A 219 -3.96 -3.57 -25.69
N LEU A 220 -3.85 -2.59 -24.78
CA LEU A 220 -4.10 -1.20 -25.14
C LEU A 220 -3.34 -0.83 -26.43
N THR A 221 -4.01 -0.09 -27.31
CA THR A 221 -3.41 0.56 -28.47
C THR A 221 -3.62 2.08 -28.36
N TRP A 222 -2.78 2.86 -29.07
CA TRP A 222 -2.94 4.27 -29.11
C TRP A 222 -4.26 4.63 -29.80
N GLU A 223 -4.64 3.83 -30.78
CA GLU A 223 -5.91 4.02 -31.48
C GLU A 223 -7.09 3.95 -30.50
N GLU A 224 -7.14 2.89 -29.66
CA GLU A 224 -8.19 2.79 -28.63
C GLU A 224 -8.02 3.92 -27.61
N THR A 225 -6.76 4.28 -27.28
CA THR A 225 -6.54 5.35 -26.32
C THR A 225 -7.18 6.66 -26.83
N LEU A 226 -6.94 7.00 -28.11
CA LEU A 226 -7.48 8.25 -28.71
C LEU A 226 -9.01 8.25 -28.70
N LYS A 227 -9.62 7.10 -29.00
CA LYS A 227 -11.11 6.98 -28.96
C LYS A 227 -11.64 7.34 -27.56
N ASN A 228 -10.95 6.81 -26.51
CA ASN A 228 -11.33 7.08 -25.12
C ASN A 228 -11.02 8.51 -24.72
N LEU A 229 -9.90 9.08 -25.21
CA LEU A 229 -9.57 10.50 -24.94
C LEU A 229 -10.71 11.43 -25.40
N LYS A 230 -11.28 11.12 -26.57
CA LYS A 230 -12.37 11.91 -27.16
C LYS A 230 -13.64 11.72 -26.34
N LEU A 231 -13.95 10.48 -25.96
CA LEU A 231 -15.20 10.21 -25.20
C LEU A 231 -15.13 10.78 -23.78
N ALA A 232 -13.91 10.85 -23.23
CA ALA A 232 -13.68 11.21 -21.80
C ALA A 232 -14.11 12.65 -21.52
N LYS A 233 -14.27 13.44 -22.58
CA LYS A 233 -14.70 14.83 -22.47
C LYS A 233 -16.15 14.92 -21.99
N ASN A 234 -16.90 13.83 -22.13
CA ASN A 234 -18.28 13.74 -21.63
C ASN A 234 -18.34 13.14 -20.20
N PHE A 235 -17.20 12.95 -19.54
CA PHE A 235 -17.17 12.33 -18.20
C PHE A 235 -16.46 13.26 -17.23
N PRO A 236 -16.73 13.18 -15.91
CA PRO A 236 -16.11 14.09 -14.96
C PRO A 236 -14.69 13.65 -14.59
N PHE A 237 -13.82 13.55 -15.60
CA PHE A 237 -12.45 13.07 -15.42
C PHE A 237 -11.46 14.22 -15.50
N GLU A 238 -10.59 14.36 -14.48
CA GLU A 238 -9.52 15.38 -14.48
C GLU A 238 -8.25 14.77 -15.08
N VAL A 239 -7.96 13.52 -14.72
CA VAL A 239 -6.69 12.84 -15.07
C VAL A 239 -6.98 11.78 -16.14
N PHE A 240 -6.05 11.61 -17.08
CA PHE A 240 -6.17 10.59 -18.05
C PHE A 240 -4.84 9.85 -18.04
N GLN A 241 -4.87 8.57 -17.59
CA GLN A 241 -3.66 7.85 -17.21
C GLN A 241 -3.49 6.63 -18.11
N ILE A 242 -2.33 6.57 -18.76
CA ILE A 242 -1.92 5.41 -19.52
C ILE A 242 -1.27 4.41 -18.57
N ASP A 243 -1.78 3.17 -18.58
CA ASP A 243 -1.23 2.12 -17.72
C ASP A 243 -0.26 1.27 -18.54
N ASP A 244 0.16 0.15 -17.96
CA ASP A 244 1.09 -0.79 -18.54
C ASP A 244 0.56 -1.21 -19.91
N ALA A 245 1.44 -1.14 -20.93
CA ALA A 245 1.17 -1.51 -22.35
C ALA A 245 2.06 -0.71 -23.33
N TYR A 246 2.26 0.58 -23.05
CA TYR A 246 2.90 1.53 -24.00
C TYR A 246 4.39 1.26 -24.17
N GLU A 247 5.01 0.68 -23.13
CA GLU A 247 6.46 0.63 -23.00
C GLU A 247 6.99 -0.61 -23.72
N LYS A 248 8.20 -0.50 -24.26
CA LYS A 248 8.84 -1.63 -24.98
C LYS A 248 9.26 -2.73 -24.00
N ASP A 249 9.74 -2.36 -22.81
CA ASP A 249 10.15 -3.37 -21.82
C ASP A 249 10.15 -2.71 -20.43
N ILE A 250 10.20 -3.56 -19.40
CA ILE A 250 10.17 -3.13 -18.00
C ILE A 250 11.55 -2.56 -17.66
N GLY A 251 11.60 -1.25 -17.46
CA GLY A 251 12.86 -0.54 -17.28
C GLY A 251 13.12 0.44 -18.41
N ASP A 252 12.54 0.21 -19.60
CA ASP A 252 12.76 1.05 -20.78
C ASP A 252 11.56 1.98 -20.98
N TRP A 253 11.37 2.90 -20.02
CA TRP A 253 10.15 3.67 -19.82
C TRP A 253 9.95 4.73 -20.92
N LEU A 254 11.02 5.13 -21.60
CA LEU A 254 10.89 6.17 -22.62
C LEU A 254 10.95 5.58 -24.03
N VAL A 255 10.98 4.25 -24.15
CA VAL A 255 10.89 3.54 -25.42
C VAL A 255 9.47 2.96 -25.54
N THR A 256 8.75 3.34 -26.61
CA THR A 256 7.39 2.87 -26.80
C THR A 256 7.35 1.75 -27.84
N ARG A 257 6.19 1.08 -27.92
CA ARG A 257 6.00 -0.10 -28.75
CA ARG A 257 6.02 -0.07 -28.79
C ARG A 257 4.72 0.09 -29.59
N GLY A 258 4.52 -0.83 -30.56
CA GLY A 258 3.27 -0.90 -31.30
C GLY A 258 2.99 0.41 -32.00
N ASP A 259 1.74 0.88 -31.90
CA ASP A 259 1.30 2.09 -32.56
C ASP A 259 1.43 3.31 -31.63
N PHE A 260 2.11 3.15 -30.48
CA PHE A 260 2.25 4.28 -29.58
C PHE A 260 3.25 5.28 -30.15
N PRO A 261 2.94 6.59 -30.09
CA PRO A 261 3.95 7.62 -30.39
C PRO A 261 4.94 7.67 -29.22
N SER A 262 5.79 8.69 -29.20
CA SER A 262 6.72 8.87 -28.09
C SER A 262 5.95 9.21 -26.80
N VAL A 263 6.59 8.94 -25.67
CA VAL A 263 6.03 9.23 -24.37
C VAL A 263 5.75 10.73 -24.28
N GLU A 264 6.67 11.51 -24.85
CA GLU A 264 6.50 12.96 -24.85
C GLU A 264 5.28 13.35 -25.69
N GLU A 265 5.12 12.71 -26.86
CA GLU A 265 4.00 13.01 -27.75
C GLU A 265 2.66 12.63 -27.09
N MET A 266 2.64 11.49 -26.37
CA MET A 266 1.42 11.04 -25.71
C MET A 266 0.99 12.13 -24.74
N ALA A 267 1.93 12.68 -23.95
CA ALA A 267 1.58 13.70 -22.97
C ALA A 267 1.02 14.96 -23.67
N LYS A 268 1.60 15.34 -24.82
CA LYS A 268 1.17 16.55 -25.57
C LYS A 268 -0.27 16.35 -26.07
N VAL A 269 -0.55 15.19 -26.67
CA VAL A 269 -1.92 14.89 -27.16
C VAL A 269 -2.91 14.94 -25.98
N ILE A 270 -2.57 14.30 -24.85
CA ILE A 270 -3.51 14.22 -23.71
C ILE A 270 -3.81 15.63 -23.21
N ALA A 271 -2.75 16.42 -23.01
CA ALA A 271 -2.92 17.78 -22.48
C ALA A 271 -3.65 18.68 -23.48
N GLU A 272 -3.42 18.49 -24.79
CA GLU A 272 -4.10 19.30 -25.82
C GLU A 272 -5.60 19.04 -25.74
N ASN A 273 -5.94 17.82 -25.33
CA ASN A 273 -7.32 17.36 -25.23
C ASN A 273 -7.95 17.78 -23.90
N GLY A 274 -7.21 18.47 -23.05
CA GLY A 274 -7.75 19.11 -21.85
C GLY A 274 -7.66 18.24 -20.60
N PHE A 275 -6.79 17.22 -20.57
CA PHE A 275 -6.66 16.39 -19.35
C PHE A 275 -5.27 16.52 -18.72
N ILE A 276 -5.19 16.24 -17.41
CA ILE A 276 -3.91 16.01 -16.75
C ILE A 276 -3.34 14.67 -17.23
N PRO A 277 -2.17 14.65 -17.86
CA PRO A 277 -1.58 13.39 -18.33
C PRO A 277 -1.05 12.56 -17.15
N GLY A 278 -1.42 11.29 -17.12
CA GLY A 278 -0.87 10.34 -16.14
C GLY A 278 -0.15 9.20 -16.82
N ILE A 279 0.77 8.56 -16.10
CA ILE A 279 1.48 7.44 -16.66
C ILE A 279 1.91 6.46 -15.56
N TRP A 280 1.83 5.18 -15.92
CA TRP A 280 2.26 4.05 -15.13
C TRP A 280 3.72 3.75 -15.45
N THR A 281 4.51 3.51 -14.40
CA THR A 281 5.79 2.91 -14.52
C THR A 281 5.93 1.92 -13.37
N ALA A 282 6.92 1.02 -13.49
CA ALA A 282 7.37 0.17 -12.39
C ALA A 282 8.82 0.51 -12.12
N PRO A 283 9.09 1.67 -11.46
CA PRO A 283 10.40 2.30 -11.57
C PRO A 283 11.57 1.60 -10.88
N PHE A 284 11.31 0.67 -9.94
CA PHE A 284 12.40 -0.01 -9.26
C PHE A 284 12.69 -1.39 -9.88
N SER A 285 12.04 -1.69 -11.00
CA SER A 285 12.06 -2.96 -11.69
C SER A 285 12.79 -2.81 -13.04
N VAL A 286 13.67 -3.76 -13.36
CA VAL A 286 14.21 -3.88 -14.71
C VAL A 286 14.20 -5.36 -15.10
N SER A 287 13.66 -5.64 -16.28
CA SER A 287 13.55 -7.03 -16.76
C SER A 287 14.92 -7.51 -17.25
N GLU A 288 15.06 -8.85 -17.28
CA GLU A 288 16.25 -9.52 -17.79
C GLU A 288 16.48 -9.21 -19.28
N THR A 289 15.46 -8.70 -19.99
CA THR A 289 15.54 -8.42 -21.44
C THR A 289 15.68 -6.92 -21.72
N SER A 290 15.56 -6.06 -20.72
CA SER A 290 15.54 -4.62 -20.92
C SER A 290 16.91 -4.09 -21.36
N ASP A 291 16.87 -3.01 -22.15
CA ASP A 291 18.07 -2.26 -22.45
C ASP A 291 18.77 -1.81 -21.16
N VAL A 292 18.02 -1.24 -20.23
CA VAL A 292 18.68 -0.64 -19.11
C VAL A 292 19.49 -1.70 -18.35
N PHE A 293 18.90 -2.88 -18.14
CA PHE A 293 19.63 -3.96 -17.41
C PHE A 293 20.85 -4.46 -18.22
N ASN A 294 20.69 -4.59 -19.53
CA ASN A 294 21.75 -5.14 -20.37
C ASN A 294 22.90 -4.12 -20.44
N GLU A 295 22.58 -2.83 -20.39
CA GLU A 295 23.60 -1.78 -20.36
C GLU A 295 24.26 -1.67 -18.98
N HIS A 296 23.49 -1.94 -17.92
CA HIS A 296 23.90 -1.59 -16.52
C HIS A 296 23.65 -2.77 -15.59
N PRO A 297 24.30 -3.92 -15.82
CA PRO A 297 24.09 -5.12 -15.03
C PRO A 297 24.44 -4.98 -13.54
N ASP A 298 25.26 -3.98 -13.24
CA ASP A 298 25.77 -3.67 -11.93
CA ASP A 298 25.68 -3.81 -11.84
C ASP A 298 24.76 -2.80 -11.15
N TRP A 299 23.65 -2.42 -11.80
CA TRP A 299 22.68 -1.50 -11.15
C TRP A 299 21.66 -2.25 -10.27
N VAL A 300 21.76 -3.57 -10.16
CA VAL A 300 20.67 -4.33 -9.51
C VAL A 300 21.13 -4.95 -8.18
N VAL A 301 20.15 -5.27 -7.34
CA VAL A 301 20.38 -5.96 -6.09
C VAL A 301 20.93 -7.34 -6.46
N LYS A 302 21.85 -7.87 -5.64
CA LYS A 302 22.51 -9.10 -6.00
C LYS A 302 22.40 -10.16 -4.90
N GLU A 303 22.74 -11.38 -5.28
CA GLU A 303 22.85 -12.50 -4.36
C GLU A 303 24.03 -13.36 -4.80
N ASN A 304 24.98 -13.56 -3.88
CA ASN A 304 26.25 -14.18 -4.16
C ASN A 304 26.87 -13.50 -5.39
N GLY A 305 26.68 -12.18 -5.46
CA GLY A 305 27.34 -11.33 -6.43
C GLY A 305 26.70 -11.37 -7.81
N GLU A 306 25.59 -12.10 -7.98
CA GLU A 306 24.84 -12.15 -9.24
C GLU A 306 23.46 -11.51 -9.09
N PRO A 307 22.85 -11.01 -10.19
CA PRO A 307 21.52 -10.42 -10.14
C PRO A 307 20.52 -11.35 -9.44
N LYS A 308 19.82 -10.80 -8.44
CA LYS A 308 18.83 -11.51 -7.64
C LYS A 308 17.45 -11.23 -8.21
N MET A 309 16.73 -12.30 -8.56
CA MET A 309 15.38 -12.09 -9.07
C MET A 309 14.53 -11.51 -7.94
N ALA A 310 13.83 -10.42 -8.25
CA ALA A 310 12.96 -9.74 -7.30
C ALA A 310 11.56 -10.34 -7.36
N TYR A 311 11.14 -10.68 -8.58
CA TYR A 311 9.91 -11.38 -8.85
C TYR A 311 9.92 -11.78 -10.33
N ARG A 312 8.93 -12.59 -10.75
CA ARG A 312 8.74 -12.94 -12.16
C ARG A 312 7.37 -12.44 -12.58
N ASN A 313 7.31 -11.68 -13.67
CA ASN A 313 6.05 -11.20 -14.21
C ASN A 313 6.28 -10.94 -15.70
N TRP A 314 5.22 -10.81 -16.47
CA TRP A 314 5.29 -10.61 -17.93
C TRP A 314 6.12 -11.74 -18.58
N ASN A 315 6.18 -12.92 -17.95
CA ASN A 315 6.94 -14.05 -18.43
C ASN A 315 8.43 -13.68 -18.55
N LYS A 316 8.96 -12.90 -17.58
CA LYS A 316 10.39 -12.57 -17.51
C LYS A 316 10.83 -12.50 -16.05
N LYS A 317 12.10 -12.85 -15.79
CA LYS A 317 12.73 -12.53 -14.53
C LYS A 317 12.85 -11.01 -14.43
N ILE A 318 12.42 -10.46 -13.29
CA ILE A 318 12.53 -9.02 -13.04
C ILE A 318 13.53 -8.81 -11.90
N TYR A 319 14.46 -7.89 -12.12
CA TYR A 319 15.47 -7.54 -11.16
C TYR A 319 15.10 -6.22 -10.49
N ALA A 320 15.69 -5.99 -9.31
CA ALA A 320 15.46 -4.78 -8.53
C ALA A 320 16.62 -3.81 -8.67
N LEU A 321 16.31 -2.55 -8.95
CA LEU A 321 17.37 -1.57 -8.93
C LEU A 321 17.90 -1.43 -7.52
N ASP A 322 19.23 -1.24 -7.43
CA ASP A 322 19.95 -0.98 -6.19
C ASP A 322 19.92 0.52 -5.91
N LEU A 323 18.99 0.93 -5.04
CA LEU A 323 18.70 2.32 -4.78
C LEU A 323 19.72 2.91 -3.82
N SER A 324 20.71 2.12 -3.37
CA SER A 324 21.87 2.67 -2.65
C SER A 324 22.86 3.35 -3.61
N LYS A 325 22.79 3.06 -4.92
CA LYS A 325 23.80 3.55 -5.90
C LYS A 325 23.41 4.92 -6.44
N ASP A 326 24.36 5.85 -6.44
CA ASP A 326 24.06 7.19 -6.94
C ASP A 326 23.72 7.13 -8.43
N GLU A 327 24.39 6.26 -9.19
CA GLU A 327 24.14 6.12 -10.61
C GLU A 327 22.66 5.83 -10.82
N VAL A 328 22.13 4.91 -10.00
CA VAL A 328 20.74 4.51 -10.15
C VAL A 328 19.83 5.70 -9.79
N LEU A 329 20.11 6.36 -8.67
CA LEU A 329 19.29 7.49 -8.25
C LEU A 329 19.33 8.60 -9.30
N ASN A 330 20.47 8.82 -9.95
CA ASN A 330 20.58 9.87 -10.97
C ASN A 330 19.73 9.50 -12.20
N TRP A 331 19.76 8.21 -12.57
CA TRP A 331 18.90 7.71 -13.67
C TRP A 331 17.41 7.92 -13.34
N LEU A 332 17.01 7.54 -12.14
CA LEU A 332 15.60 7.71 -11.74
C LEU A 332 15.23 9.20 -11.75
N PHE A 333 16.10 10.03 -11.19
CA PHE A 333 15.79 11.47 -11.15
C PHE A 333 15.58 11.99 -12.58
N ASP A 334 16.48 11.62 -13.48
CA ASP A 334 16.43 12.09 -14.87
C ASP A 334 15.17 11.57 -15.58
N LEU A 335 14.80 10.30 -15.35
CA LEU A 335 13.58 9.73 -15.93
C LEU A 335 12.34 10.55 -15.50
N PHE A 336 12.17 10.74 -14.17
CA PHE A 336 10.98 11.39 -13.65
C PHE A 336 10.97 12.88 -13.94
N SER A 337 12.15 13.50 -13.92
CA SER A 337 12.31 14.89 -14.35
C SER A 337 11.88 15.06 -15.82
N SER A 338 12.31 14.13 -16.69
CA SER A 338 11.90 14.14 -18.11
C SER A 338 10.37 14.04 -18.26
N LEU A 339 9.76 13.10 -17.52
CA LEU A 339 8.31 12.96 -17.56
C LEU A 339 7.60 14.26 -17.13
N ARG A 340 8.12 14.92 -16.11
CA ARG A 340 7.52 16.14 -15.63
C ARG A 340 7.60 17.23 -16.73
N LYS A 341 8.75 17.28 -17.40
CA LYS A 341 9.02 18.30 -18.44
C LYS A 341 8.09 18.05 -19.63
N MET A 342 7.70 16.79 -19.82
CA MET A 342 6.81 16.47 -20.91
C MET A 342 5.37 16.88 -20.60
N GLY A 343 5.05 17.12 -19.33
CA GLY A 343 3.71 17.54 -18.91
C GLY A 343 2.95 16.52 -18.04
N TYR A 344 3.53 15.34 -17.79
CA TYR A 344 2.89 14.35 -16.85
C TYR A 344 2.84 14.96 -15.44
N ARG A 345 1.66 14.89 -14.79
CA ARG A 345 1.49 15.41 -13.40
C ARG A 345 0.82 14.39 -12.48
N TYR A 346 0.68 13.16 -12.97
CA TYR A 346 0.08 12.05 -12.21
C TYR A 346 0.87 10.78 -12.53
N PHE A 347 1.42 10.19 -11.48
CA PHE A 347 2.37 9.09 -11.65
C PHE A 347 1.90 7.91 -10.83
N LYS A 348 1.53 6.82 -11.51
CA LYS A 348 1.25 5.59 -10.85
C LYS A 348 2.57 4.83 -10.86
N ILE A 349 3.18 4.69 -9.68
CA ILE A 349 4.46 4.03 -9.55
C ILE A 349 4.25 2.70 -8.82
N ASP A 350 4.60 1.61 -9.52
CA ASP A 350 4.05 0.30 -9.25
C ASP A 350 5.18 -0.69 -9.01
N PHE A 351 4.82 -1.83 -8.45
CA PHE A 351 5.74 -2.92 -8.11
C PHE A 351 6.87 -2.38 -7.20
N LEU A 352 6.56 -1.41 -6.34
CA LEU A 352 7.58 -0.69 -5.56
C LEU A 352 8.27 -1.64 -4.56
N PHE A 353 7.63 -2.76 -4.19
CA PHE A 353 8.25 -3.74 -3.27
C PHE A 353 9.62 -4.18 -3.80
N ALA A 354 9.80 -4.21 -5.13
CA ALA A 354 11.07 -4.64 -5.71
C ALA A 354 12.24 -3.84 -5.12
N GLY A 355 12.01 -2.54 -4.87
CA GLY A 355 13.08 -1.66 -4.37
C GLY A 355 13.49 -2.00 -2.95
N ALA A 356 12.67 -2.79 -2.24
CA ALA A 356 12.97 -3.15 -0.83
C ALA A 356 13.24 -4.64 -0.64
N VAL A 357 13.57 -5.38 -1.69
CA VAL A 357 13.86 -6.81 -1.50
C VAL A 357 15.17 -6.94 -0.75
N PRO A 358 15.27 -7.93 0.13
CA PRO A 358 16.53 -8.17 0.83
C PRO A 358 17.56 -8.68 -0.19
N GLY A 359 18.81 -8.27 -0.01
CA GLY A 359 19.93 -8.72 -0.82
C GLY A 359 21.13 -7.79 -0.67
N GLU A 360 22.11 -8.00 -1.55
CA GLU A 360 23.38 -7.30 -1.51
C GLU A 360 23.24 -6.01 -2.34
N ARG A 361 23.55 -4.89 -1.69
CA ARG A 361 23.54 -3.59 -2.30
C ARG A 361 24.93 -2.97 -2.16
N LYS A 362 25.22 -1.97 -2.98
CA LYS A 362 26.52 -1.32 -3.00
C LYS A 362 26.87 -0.81 -1.59
N LYS A 363 25.92 -0.12 -0.96
CA LYS A 363 26.12 0.41 0.39
C LYS A 363 25.52 -0.56 1.41
N ASN A 364 26.09 -0.60 2.62
CA ASN A 364 25.56 -1.49 3.65
C ASN A 364 24.45 -0.71 4.39
N ILE A 365 23.30 -0.57 3.72
CA ILE A 365 22.12 0.05 4.29
C ILE A 365 20.99 -0.98 4.23
N THR A 366 19.92 -0.75 4.97
CA THR A 366 18.83 -1.72 4.88
C THR A 366 18.09 -1.54 3.57
N PRO A 367 17.30 -2.56 3.16
CA PRO A 367 16.42 -2.46 2.00
C PRO A 367 15.33 -1.40 2.18
N ILE A 368 14.99 -1.08 3.44
CA ILE A 368 14.02 -0.04 3.72
C ILE A 368 14.69 1.31 3.53
N GLN A 369 15.94 1.45 3.99
CA GLN A 369 16.70 2.69 3.72
C GLN A 369 16.87 2.93 2.22
N ALA A 370 17.16 1.86 1.45
CA ALA A 370 17.32 2.00 0.00
C ALA A 370 16.00 2.41 -0.65
N PHE A 371 14.92 1.69 -0.31
CA PHE A 371 13.58 2.02 -0.78
C PHE A 371 13.27 3.52 -0.61
N ARG A 372 13.46 4.05 0.62
CA ARG A 372 13.15 5.42 0.92
C ARG A 372 14.01 6.42 0.11
N LYS A 373 15.28 6.10 -0.14
CA LYS A 373 16.09 6.96 -1.01
C LYS A 373 15.47 7.01 -2.44
N GLY A 374 15.00 5.88 -2.95
CA GLY A 374 14.37 5.79 -4.28
C GLY A 374 13.12 6.63 -4.39
N ILE A 375 12.16 6.46 -3.45
CA ILE A 375 10.88 7.18 -3.58
C ILE A 375 11.09 8.67 -3.31
N GLU A 376 12.05 9.04 -2.45
CA GLU A 376 12.33 10.47 -2.19
C GLU A 376 12.89 11.13 -3.45
N THR A 377 13.72 10.38 -4.18
CA THR A 377 14.27 10.86 -5.45
C THR A 377 13.14 11.13 -6.46
N ILE A 378 12.21 10.19 -6.57
CA ILE A 378 11.08 10.32 -7.46
C ILE A 378 10.31 11.60 -7.11
N ARG A 379 10.04 11.81 -5.82
CA ARG A 379 9.25 12.96 -5.36
C ARG A 379 9.98 14.25 -5.75
N LYS A 380 11.29 14.29 -5.55
CA LYS A 380 12.06 15.52 -5.92
C LYS A 380 11.99 15.77 -7.42
N ALA A 381 12.03 14.70 -8.22
CA ALA A 381 12.07 14.84 -9.66
C ALA A 381 10.74 15.35 -10.20
N VAL A 382 9.61 14.89 -9.64
CA VAL A 382 8.30 15.21 -10.26
C VAL A 382 7.77 16.54 -9.71
N GLY A 383 8.26 16.96 -8.54
CA GLY A 383 7.85 18.24 -7.95
C GLY A 383 6.64 18.10 -7.04
N GLU A 384 6.33 19.19 -6.35
CA GLU A 384 5.29 19.20 -5.31
C GLU A 384 3.90 19.18 -5.91
N ASP A 385 3.77 19.62 -7.16
CA ASP A 385 2.46 19.75 -7.81
C ASP A 385 2.17 18.56 -8.73
N SER A 386 3.00 17.51 -8.64
CA SER A 386 2.69 16.20 -9.24
C SER A 386 2.06 15.28 -8.17
N PHE A 387 1.03 14.54 -8.59
CA PHE A 387 0.40 13.51 -7.78
C PHE A 387 1.12 12.18 -7.98
N ILE A 388 1.61 11.61 -6.87
CA ILE A 388 2.21 10.29 -6.87
C ILE A 388 1.24 9.28 -6.24
N LEU A 389 0.92 8.24 -7.01
CA LEU A 389 0.08 7.13 -6.60
C LEU A 389 0.98 5.89 -6.51
N GLY A 390 1.23 5.42 -5.29
CA GLY A 390 1.96 4.16 -5.06
C GLY A 390 1.10 2.93 -5.32
N CYS A 391 1.75 1.84 -5.71
CA CYS A 391 1.09 0.59 -6.00
C CYS A 391 2.11 -0.54 -5.88
N GLY A 392 1.63 -1.72 -5.47
CA GLY A 392 2.48 -2.83 -5.15
C GLY A 392 3.58 -2.43 -4.17
N SER A 393 3.23 -1.58 -3.18
CA SER A 393 4.23 -0.83 -2.40
C SER A 393 4.18 -1.21 -0.93
N PRO A 394 5.36 -1.35 -0.30
CA PRO A 394 5.46 -1.27 1.16
C PRO A 394 4.69 -0.03 1.64
N LEU A 395 3.88 -0.21 2.67
CA LEU A 395 2.95 0.87 3.06
C LEU A 395 3.66 1.92 3.94
N LEU A 396 4.12 1.54 5.13
CA LEU A 396 4.62 2.51 6.12
CA LEU A 396 4.61 2.52 6.11
C LEU A 396 5.80 3.31 5.56
N PRO A 397 6.77 2.69 4.87
CA PRO A 397 7.93 3.45 4.37
C PRO A 397 7.57 4.56 3.36
N ALA A 398 6.39 4.48 2.76
CA ALA A 398 5.98 5.42 1.70
C ALA A 398 5.20 6.61 2.27
N VAL A 399 4.78 6.54 3.54
CA VAL A 399 4.03 7.66 4.14
C VAL A 399 4.95 8.89 4.14
N GLY A 400 4.46 10.02 3.62
CA GLY A 400 5.25 11.26 3.57
C GLY A 400 5.74 11.54 2.16
N CYS A 401 5.68 10.53 1.30
CA CYS A 401 6.19 10.67 -0.06
CA CYS A 401 6.17 10.64 -0.03
C CYS A 401 5.04 10.60 -1.07
N VAL A 402 4.19 9.57 -0.98
CA VAL A 402 3.09 9.44 -1.93
C VAL A 402 1.91 10.32 -1.50
N ASP A 403 1.10 10.67 -2.49
CA ASP A 403 -0.16 11.39 -2.29
C ASP A 403 -1.33 10.41 -2.16
N GLY A 404 -1.29 9.31 -2.93
CA GLY A 404 -2.26 8.27 -2.92
C GLY A 404 -1.55 6.93 -2.89
N MET A 405 -2.26 5.91 -2.42
CA MET A 405 -1.71 4.58 -2.35
C MET A 405 -2.82 3.56 -2.62
N ARG A 406 -2.56 2.65 -3.56
CA ARG A 406 -3.34 1.42 -3.75
C ARG A 406 -3.20 0.58 -2.46
N ILE A 407 -4.33 0.29 -1.83
CA ILE A 407 -4.36 -0.44 -0.56
C ILE A 407 -5.02 -1.82 -0.70
N GLY A 408 -5.27 -2.27 -1.93
CA GLY A 408 -5.78 -3.59 -2.14
C GLY A 408 -5.17 -4.26 -3.36
N PRO A 409 -5.41 -5.57 -3.53
CA PRO A 409 -5.07 -6.27 -4.76
C PRO A 409 -5.89 -5.70 -5.92
N ALA A 410 -5.45 -6.04 -7.13
CA ALA A 410 -6.10 -5.60 -8.33
C ALA A 410 -7.58 -6.02 -8.30
N THR A 411 -8.45 -5.07 -8.67
CA THR A 411 -9.84 -5.38 -8.97
C THR A 411 -9.85 -6.05 -10.34
N ALA A 412 -11.04 -6.30 -10.85
CA ALA A 412 -11.25 -7.10 -12.06
C ALA A 412 -12.68 -6.89 -12.53
N PRO A 413 -12.92 -7.02 -13.86
CA PRO A 413 -14.28 -7.02 -14.42
C PRO A 413 -15.06 -8.32 -14.13
N PHE A 414 -14.87 -8.84 -12.92
CA PHE A 414 -15.59 -9.97 -12.41
C PHE A 414 -15.44 -9.96 -10.88
N TRP A 415 -16.39 -10.60 -10.20
CA TRP A 415 -16.47 -10.57 -8.76
C TRP A 415 -15.37 -11.46 -8.19
N GLY A 416 -15.20 -12.62 -8.79
CA GLY A 416 -14.10 -13.54 -8.45
C GLY A 416 -14.57 -14.64 -7.52
N GLU A 417 -15.66 -15.31 -7.92
CA GLU A 417 -16.30 -16.33 -7.09
C GLU A 417 -15.29 -17.44 -6.73
N HIS A 418 -14.45 -17.81 -7.70
CA HIS A 418 -13.54 -18.94 -7.55
C HIS A 418 -12.12 -18.49 -7.21
N ILE A 419 -11.96 -17.18 -6.91
CA ILE A 419 -10.66 -16.64 -6.63
C ILE A 419 -10.46 -16.66 -5.10
N GLU A 420 -9.33 -17.22 -4.70
CA GLU A 420 -8.95 -17.31 -3.29
C GLU A 420 -8.43 -15.94 -2.85
N ASP A 421 -8.38 -15.75 -1.53
CA ASP A 421 -7.86 -14.53 -0.93
C ASP A 421 -6.32 -14.62 -0.85
N ASN A 422 -5.67 -14.54 -2.01
CA ASN A 422 -4.21 -14.77 -2.12
C ASN A 422 -3.56 -13.70 -3.01
N GLY A 423 -4.21 -12.54 -3.20
CA GLY A 423 -3.61 -11.40 -3.92
C GLY A 423 -3.83 -11.44 -5.43
N ALA A 424 -4.55 -12.45 -5.91
CA ALA A 424 -4.96 -12.54 -7.31
C ALA A 424 -6.11 -11.56 -7.59
N PRO A 425 -6.18 -11.00 -8.81
CA PRO A 425 -7.21 -10.03 -9.13
C PRO A 425 -8.63 -10.58 -8.93
N ALA A 426 -9.47 -9.74 -8.30
CA ALA A 426 -10.88 -10.02 -8.07
C ALA A 426 -11.51 -8.79 -7.39
N ALA A 427 -12.66 -8.32 -7.91
CA ALA A 427 -13.32 -7.18 -7.30
C ALA A 427 -13.58 -7.47 -5.82
N ARG A 428 -13.91 -8.73 -5.48
CA ARG A 428 -14.34 -8.99 -4.12
C ARG A 428 -13.19 -8.75 -3.12
N TRP A 429 -11.97 -9.17 -3.47
CA TRP A 429 -10.87 -9.04 -2.54
C TRP A 429 -10.27 -7.63 -2.58
N ALA A 430 -10.31 -6.97 -3.73
CA ALA A 430 -9.94 -5.53 -3.78
C ALA A 430 -10.82 -4.76 -2.77
N LEU A 431 -12.13 -4.97 -2.82
CA LEU A 431 -13.05 -4.18 -2.00
C LEU A 431 -12.85 -4.50 -0.53
N ARG A 432 -12.62 -5.78 -0.19
CA ARG A 432 -12.40 -6.16 1.20
C ARG A 432 -11.27 -5.29 1.76
N ASN A 433 -10.15 -5.18 1.04
CA ASN A 433 -8.99 -4.41 1.54
C ASN A 433 -9.30 -2.93 1.69
N ALA A 434 -10.09 -2.35 0.78
CA ALA A 434 -10.50 -0.95 0.89
C ALA A 434 -11.23 -0.73 2.21
N ILE A 435 -11.94 -1.77 2.64
CA ILE A 435 -12.71 -1.69 3.88
C ILE A 435 -11.77 -1.85 5.06
N THR A 436 -10.93 -2.90 5.08
CA THR A 436 -10.18 -3.19 6.25
C THR A 436 -8.98 -2.25 6.41
N ARG A 437 -8.54 -1.57 5.36
CA ARG A 437 -7.49 -0.54 5.53
C ARG A 437 -8.09 0.88 5.48
N TYR A 438 -9.40 1.02 5.72
CA TYR A 438 -10.06 2.33 5.54
C TYR A 438 -9.37 3.41 6.37
N PHE A 439 -8.83 3.03 7.52
CA PHE A 439 -8.36 3.98 8.52
C PHE A 439 -7.10 4.72 8.07
N MET A 440 -6.41 4.20 7.04
CA MET A 440 -5.22 4.86 6.52
C MET A 440 -5.63 6.10 5.74
N HIS A 441 -6.87 6.10 5.22
CA HIS A 441 -7.33 7.15 4.32
C HIS A 441 -7.39 8.50 5.04
N ASP A 442 -6.90 9.55 4.36
CA ASP A 442 -6.83 10.91 4.85
C ASP A 442 -5.96 10.99 6.10
N ARG A 443 -5.11 9.98 6.37
CA ARG A 443 -4.17 9.97 7.48
C ARG A 443 -2.75 9.68 6.97
N PHE A 444 -2.58 8.57 6.23
CA PHE A 444 -1.33 8.17 5.60
C PHE A 444 -1.15 8.92 4.26
N TRP A 445 -2.30 9.20 3.60
CA TRP A 445 -2.40 9.50 2.19
C TRP A 445 -3.89 9.42 1.81
N LEU A 446 -4.21 9.57 0.52
CA LEU A 446 -5.51 9.20 -0.02
C LEU A 446 -5.49 7.71 -0.37
N ASN A 447 -6.42 6.93 0.18
CA ASN A 447 -6.59 5.54 -0.21
C ASN A 447 -7.11 5.45 -1.65
N ASP A 448 -6.46 4.59 -2.46
CA ASP A 448 -6.92 4.19 -3.76
C ASP A 448 -7.47 2.78 -3.65
N PRO A 449 -8.81 2.60 -3.80
CA PRO A 449 -9.45 1.29 -3.70
C PRO A 449 -9.46 0.52 -5.02
N ASP A 450 -8.76 1.08 -6.01
CA ASP A 450 -8.64 0.58 -7.38
C ASP A 450 -9.89 1.00 -8.17
N CYS A 451 -9.82 0.78 -9.47
CA CYS A 451 -10.68 1.44 -10.42
C CYS A 451 -12.11 0.92 -10.38
N LEU A 452 -13.06 1.85 -10.56
CA LEU A 452 -14.46 1.47 -10.85
C LEU A 452 -14.54 0.96 -12.29
N ILE A 453 -15.31 -0.12 -12.46
CA ILE A 453 -15.54 -0.79 -13.74
C ILE A 453 -17.04 -0.75 -14.00
N LEU A 454 -17.49 0.20 -14.84
CA LEU A 454 -18.89 0.60 -14.89
C LEU A 454 -19.50 0.28 -16.27
N ARG A 455 -18.74 -0.37 -17.14
CA ARG A 455 -19.22 -0.71 -18.48
C ARG A 455 -20.32 -1.77 -18.35
N GLU A 456 -21.18 -1.86 -19.36
CA GLU A 456 -22.27 -2.86 -19.34
C GLU A 456 -22.13 -3.86 -20.48
N GLU A 457 -20.96 -3.91 -21.13
CA GLU A 457 -20.58 -5.04 -21.97
C GLU A 457 -19.13 -5.36 -21.65
N LYS A 458 -18.66 -6.53 -22.09
CA LYS A 458 -17.26 -6.98 -21.86
C LYS A 458 -16.95 -6.95 -20.35
N THR A 459 -17.90 -7.47 -19.56
CA THR A 459 -17.75 -7.64 -18.11
C THR A 459 -18.75 -8.69 -17.61
N ASP A 460 -18.40 -9.39 -16.53
CA ASP A 460 -19.35 -10.26 -15.87
C ASP A 460 -19.93 -9.63 -14.60
N LEU A 461 -19.48 -8.43 -14.20
CA LEU A 461 -20.12 -7.73 -13.05
C LEU A 461 -21.59 -7.42 -13.34
N THR A 462 -22.45 -7.66 -12.34
CA THR A 462 -23.87 -7.25 -12.43
C THR A 462 -23.98 -5.75 -12.06
N GLN A 463 -25.16 -5.16 -12.32
CA GLN A 463 -25.44 -3.79 -11.93
C GLN A 463 -25.28 -3.65 -10.40
N LYS A 464 -25.79 -4.64 -9.64
CA LYS A 464 -25.74 -4.55 -8.19
CA LYS A 464 -25.73 -4.64 -8.17
C LYS A 464 -24.28 -4.65 -7.70
N GLU A 465 -23.43 -5.43 -8.37
CA GLU A 465 -22.04 -5.55 -7.98
C GLU A 465 -21.30 -4.23 -8.27
N LYS A 466 -21.63 -3.61 -9.39
CA LYS A 466 -20.99 -2.34 -9.76
C LYS A 466 -21.38 -1.28 -8.74
N GLU A 467 -22.65 -1.27 -8.33
CA GLU A 467 -23.15 -0.30 -7.35
C GLU A 467 -22.47 -0.54 -6.00
N LEU A 468 -22.40 -1.80 -5.58
CA LEU A 468 -21.83 -2.18 -4.30
C LEU A 468 -20.39 -1.66 -4.22
N TYR A 469 -19.61 -1.94 -5.26
CA TYR A 469 -18.19 -1.55 -5.25
C TYR A 469 -18.08 -0.03 -5.20
N SER A 470 -18.82 0.63 -6.11
CA SER A 470 -18.71 2.09 -6.34
C SER A 470 -19.17 2.87 -5.11
N TYR A 471 -20.37 2.53 -4.59
CA TYR A 471 -20.93 3.31 -3.47
C TYR A 471 -20.08 3.11 -2.21
N THR A 472 -19.50 1.92 -2.04
CA THR A 472 -18.60 1.66 -0.92
C THR A 472 -17.41 2.60 -1.00
N CYS A 473 -16.76 2.66 -2.16
CA CYS A 473 -15.60 3.53 -2.38
C CYS A 473 -15.96 5.00 -2.11
N GLY A 474 -17.14 5.41 -2.55
CA GLY A 474 -17.64 6.78 -2.31
C GLY A 474 -17.82 7.08 -0.82
N VAL A 475 -18.49 6.16 -0.11
CA VAL A 475 -18.70 6.36 1.30
C VAL A 475 -17.37 6.48 2.03
N LEU A 476 -16.39 5.65 1.63
CA LEU A 476 -15.02 5.66 2.22
C LEU A 476 -14.19 6.92 1.86
N ASP A 477 -14.74 7.80 1.01
CA ASP A 477 -14.09 9.04 0.56
C ASP A 477 -12.81 8.74 -0.24
N ASN A 478 -12.75 7.54 -0.83
CA ASN A 478 -11.54 7.09 -1.52
C ASN A 478 -11.44 7.75 -2.91
N MET A 479 -10.26 7.59 -3.52
CA MET A 479 -10.02 7.99 -4.90
C MET A 479 -10.96 7.24 -5.83
N ILE A 480 -11.52 7.98 -6.80
CA ILE A 480 -12.48 7.45 -7.75
C ILE A 480 -11.90 7.61 -9.15
N ILE A 481 -11.39 6.51 -9.69
CA ILE A 481 -10.84 6.41 -11.02
C ILE A 481 -11.63 5.35 -11.75
N GLU A 482 -11.99 5.59 -13.03
CA GLU A 482 -12.74 4.64 -13.81
C GLU A 482 -11.82 4.00 -14.85
N SER A 483 -12.04 2.72 -15.14
CA SER A 483 -11.25 2.00 -16.11
C SER A 483 -12.19 1.16 -16.98
N ASP A 484 -12.62 1.74 -18.10
CA ASP A 484 -13.53 1.13 -19.04
C ASP A 484 -13.23 1.62 -20.45
N ASP A 485 -13.57 0.80 -21.45
CA ASP A 485 -13.88 1.32 -22.80
C ASP A 485 -15.13 2.18 -22.64
N LEU A 486 -14.97 3.49 -22.81
CA LEU A 486 -16.01 4.43 -22.49
C LEU A 486 -17.20 4.32 -23.46
N SER A 487 -17.02 3.67 -24.62
CA SER A 487 -18.07 3.37 -25.59
CA SER A 487 -18.14 3.50 -25.53
C SER A 487 -19.14 2.50 -24.95
N LEU A 488 -18.74 1.70 -23.94
CA LEU A 488 -19.56 0.65 -23.38
C LEU A 488 -20.18 1.05 -22.04
N VAL A 489 -20.04 2.33 -21.66
CA VAL A 489 -20.59 2.86 -20.46
C VAL A 489 -21.80 3.72 -20.85
N ARG A 490 -23.00 3.28 -20.42
CA ARG A 490 -24.23 3.92 -20.80
C ARG A 490 -24.89 4.50 -19.55
N ASP A 491 -26.23 4.52 -19.52
CA ASP A 491 -26.98 5.32 -18.56
C ASP A 491 -26.69 4.84 -17.14
N HIS A 492 -26.65 3.52 -16.93
CA HIS A 492 -26.46 2.97 -15.60
C HIS A 492 -25.07 3.37 -15.05
N GLY A 493 -24.06 3.18 -15.89
CA GLY A 493 -22.66 3.47 -15.55
C GLY A 493 -22.44 4.92 -15.17
N LYS A 494 -23.06 5.80 -15.97
CA LYS A 494 -22.92 7.21 -15.77
C LYS A 494 -23.59 7.62 -14.47
N LYS A 495 -24.79 7.05 -14.20
CA LYS A 495 -25.56 7.36 -13.01
C LYS A 495 -24.79 6.88 -11.78
N VAL A 496 -24.22 5.68 -11.85
CA VAL A 496 -23.45 5.13 -10.71
C VAL A 496 -22.26 6.04 -10.37
N LEU A 497 -21.53 6.50 -11.39
CA LEU A 497 -20.37 7.40 -11.18
C LEU A 497 -20.84 8.70 -10.51
N LYS A 498 -21.92 9.27 -11.05
CA LYS A 498 -22.45 10.53 -10.53
C LYS A 498 -22.81 10.38 -9.05
N GLU A 499 -23.52 9.32 -8.72
CA GLU A 499 -24.01 9.11 -7.35
C GLU A 499 -22.81 8.79 -6.43
N THR A 500 -21.81 8.09 -6.95
CA THR A 500 -20.58 7.81 -6.19
C THR A 500 -19.93 9.13 -5.76
N LEU A 501 -19.77 10.06 -6.70
CA LEU A 501 -19.09 11.32 -6.43
C LEU A 501 -19.86 12.16 -5.39
N GLU A 502 -21.18 11.95 -5.26
CA GLU A 502 -22.00 12.68 -4.29
C GLU A 502 -21.83 12.12 -2.87
N LEU A 503 -21.14 10.98 -2.73
CA LEU A 503 -20.95 10.32 -1.43
C LEU A 503 -19.59 10.68 -0.82
N LEU A 504 -18.71 11.30 -1.62
CA LEU A 504 -17.37 11.74 -1.19
C LEU A 504 -17.46 12.88 -0.16
N GLY A 505 -16.34 13.08 0.54
CA GLY A 505 -16.07 14.27 1.33
C GLY A 505 -16.17 14.05 2.83
N GLY A 506 -16.56 12.85 3.27
CA GLY A 506 -16.81 12.63 4.68
C GLY A 506 -15.64 11.99 5.41
N ARG A 507 -15.89 11.70 6.68
CA ARG A 507 -15.01 10.97 7.54
C ARG A 507 -15.60 9.59 7.79
N PRO A 508 -15.08 8.54 7.11
CA PRO A 508 -15.67 7.21 7.24
C PRO A 508 -15.20 6.49 8.50
N ARG A 509 -16.02 5.52 8.94
CA ARG A 509 -15.62 4.55 9.93
C ARG A 509 -16.27 3.21 9.62
N VAL A 510 -15.45 2.15 9.57
CA VAL A 510 -15.94 0.80 9.52
C VAL A 510 -16.20 0.33 10.96
N GLN A 511 -17.49 0.19 11.28
CA GLN A 511 -17.92 0.05 12.66
C GLN A 511 -17.57 -1.32 13.24
N ASN A 512 -17.48 -2.35 12.39
CA ASN A 512 -17.24 -3.72 12.84
C ASN A 512 -15.99 -4.26 12.12
N ILE A 513 -14.83 -3.63 12.39
CA ILE A 513 -13.58 -3.91 11.65
C ILE A 513 -13.13 -5.37 11.89
N MET A 514 -13.52 -5.97 13.02
CA MET A 514 -13.08 -7.35 13.34
C MET A 514 -14.05 -8.39 12.77
N SER A 515 -14.96 -7.98 11.90
CA SER A 515 -15.92 -8.89 11.28
C SER A 515 -15.19 -10.09 10.62
N GLU A 516 -15.78 -11.28 10.76
CA GLU A 516 -15.28 -12.46 10.08
C GLU A 516 -16.27 -13.01 9.05
N ASP A 517 -17.36 -12.30 8.75
CA ASP A 517 -18.36 -12.85 7.84
C ASP A 517 -18.51 -12.03 6.55
N LEU A 518 -17.55 -11.15 6.27
CA LEU A 518 -17.55 -10.30 5.06
C LEU A 518 -18.81 -9.41 4.98
N ARG A 519 -19.37 -9.07 6.14
CA ARG A 519 -20.40 -8.08 6.26
C ARG A 519 -19.86 -6.91 7.08
N TYR A 520 -20.04 -5.70 6.55
CA TYR A 520 -19.43 -4.53 7.13
C TYR A 520 -20.44 -3.40 7.18
N GLU A 521 -20.46 -2.71 8.32
CA GLU A 521 -21.24 -1.51 8.53
C GLU A 521 -20.30 -0.31 8.50
N ILE A 522 -20.54 0.57 7.53
CA ILE A 522 -19.70 1.70 7.24
C ILE A 522 -20.55 2.98 7.28
N VAL A 523 -20.15 3.90 8.16
CA VAL A 523 -20.74 5.21 8.21
C VAL A 523 -19.73 6.23 7.70
N SER A 524 -20.24 7.36 7.20
CA SER A 524 -19.39 8.49 6.86
C SER A 524 -20.14 9.78 7.18
N SER A 525 -19.53 10.64 8.01
CA SER A 525 -20.13 11.89 8.44
C SER A 525 -19.63 13.03 7.55
N GLY A 526 -20.53 13.95 7.21
CA GLY A 526 -20.16 15.19 6.55
C GLY A 526 -19.78 14.98 5.10
N THR A 527 -20.41 14.02 4.41
CA THR A 527 -20.24 13.85 2.97
C THR A 527 -21.03 14.97 2.27
N LEU A 528 -20.86 15.05 0.95
CA LEU A 528 -21.62 15.95 0.10
C LEU A 528 -23.10 15.57 0.13
N SER A 529 -23.43 14.38 0.65
CA SER A 529 -24.83 13.98 0.79
C SER A 529 -25.24 13.95 2.26
N GLY A 530 -24.49 14.63 3.12
CA GLY A 530 -24.71 14.58 4.59
C GLY A 530 -24.12 13.32 5.19
N ASN A 531 -24.72 12.87 6.29
CA ASN A 531 -24.28 11.69 7.03
C ASN A 531 -24.89 10.46 6.35
N VAL A 532 -24.04 9.49 6.00
CA VAL A 532 -24.47 8.35 5.20
C VAL A 532 -24.03 7.08 5.93
N LYS A 533 -24.67 5.97 5.58
CA LYS A 533 -24.27 4.66 6.04
C LYS A 533 -24.51 3.67 4.92
N ILE A 534 -23.56 2.75 4.73
CA ILE A 534 -23.76 1.65 3.83
C ILE A 534 -23.41 0.39 4.61
N VAL A 535 -24.30 -0.59 4.54
CA VAL A 535 -24.05 -1.94 5.05
C VAL A 535 -23.92 -2.87 3.85
N VAL A 536 -22.78 -3.58 3.77
CA VAL A 536 -22.43 -4.36 2.61
C VAL A 536 -22.24 -5.82 3.04
N ASP A 537 -22.59 -6.74 2.13
CA ASP A 537 -22.35 -8.15 2.31
C ASP A 537 -21.60 -8.63 1.09
N LEU A 538 -20.30 -8.91 1.27
CA LEU A 538 -19.44 -9.26 0.14
C LEU A 538 -19.66 -10.72 -0.27
N ASN A 539 -20.38 -11.52 0.53
CA ASN A 539 -20.68 -12.88 0.10
CA ASN A 539 -20.78 -12.89 0.21
C ASN A 539 -21.94 -12.88 -0.79
N SER A 540 -23.03 -12.23 -0.36
CA SER A 540 -24.28 -12.18 -1.13
C SER A 540 -24.26 -11.08 -2.21
N ARG A 541 -23.30 -10.15 -2.12
CA ARG A 541 -23.12 -9.04 -3.05
C ARG A 541 -24.35 -8.13 -2.98
N GLU A 542 -24.73 -7.75 -1.75
CA GLU A 542 -25.87 -6.88 -1.50
C GLU A 542 -25.41 -5.68 -0.66
N TYR A 543 -26.13 -4.58 -0.77
CA TYR A 543 -25.87 -3.46 0.06
C TYR A 543 -27.17 -2.78 0.43
N HIS A 544 -27.12 -2.04 1.54
CA HIS A 544 -28.15 -1.17 2.02
C HIS A 544 -27.53 0.20 2.30
N LEU A 545 -27.95 1.21 1.53
CA LEU A 545 -27.38 2.57 1.61
C LEU A 545 -28.42 3.51 2.23
N GLU A 546 -28.01 4.24 3.26
CA GLU A 546 -28.80 5.32 3.86
C GLU A 546 -28.11 6.67 3.66
N LYS A 547 -28.87 7.66 3.20
CA LYS A 547 -28.36 9.03 2.96
C LYS A 547 -29.22 10.05 3.70
N GLU A 548 -28.55 11.13 4.15
CA GLU A 548 -29.10 12.31 4.82
C GLU A 548 -29.38 11.98 6.28
S SO4 B . 12.89 0.38 37.36
O1 SO4 B . 11.49 0.21 36.91
O2 SO4 B . 13.77 -0.79 37.07
O3 SO4 B . 13.43 1.55 36.63
O4 SO4 B . 12.92 0.69 38.86
S SO4 C . 27.45 4.60 -7.24
O1 SO4 C . 26.50 4.66 -8.42
O2 SO4 C . 27.83 3.18 -6.98
O3 SO4 C . 28.60 5.43 -7.68
O4 SO4 C . 26.96 5.09 -5.88
OAU FEQ D . -4.06 -6.68 -12.47
NAT FEQ D . -2.94 -7.56 -12.60
OAV FEQ D . -2.78 -8.18 -13.78
CAN FEQ D . -2.11 -7.93 -11.59
CAO FEQ D . -1.81 -9.28 -11.41
CAP FEQ D . -0.92 -9.70 -10.41
NAS FEQ D . -0.67 -11.02 -10.17
OAX FEQ D . -1.35 -12.01 -10.95
OAW FEQ D . 0.04 -11.39 -8.75
CAQ FEQ D . -0.32 -8.74 -9.59
CAR FEQ D . -0.58 -7.38 -9.79
CAM FEQ D . -1.45 -6.96 -10.80
OAL FEQ D . -1.76 -5.66 -10.96
CAA FEQ D . -0.72 -4.61 -11.06
CAB FEQ D . -0.19 -4.55 -12.40
CAE FEQ D . -1.43 -3.31 -10.66
FAH FEQ D . -2.30 -3.50 -9.41
CAD FEQ D . -2.42 -2.96 -11.74
OAG FEQ D . -3.32 -1.82 -11.43
CAC FEQ D . -1.67 -2.69 -13.07
OAF FEQ D . -1.27 -1.28 -13.06
CAI FEQ D . -0.60 -3.59 -13.33
CAJ FEQ D . -0.09 -3.59 -14.69
OAK FEQ D . 0.97 -4.52 -14.96
MG MG E . -11.29 13.47 2.49
#